data_9KVJ
#
_entry.id   9KVJ
#
_cell.length_a   1.00
_cell.length_b   1.00
_cell.length_c   1.00
_cell.angle_alpha   90.00
_cell.angle_beta   90.00
_cell.angle_gamma   90.00
#
_symmetry.space_group_name_H-M   'P 1'
#
loop_
_entity.id
_entity.type
_entity.pdbx_description
1 polymer 'Heavy chain of nAb 1C4'
2 polymer 'Light chain of nAb 1C4'
3 polymer 'Spike protein S1'
4 branched beta-D-mannopyranose-(1-4)-2-acetamido-2-deoxy-beta-D-glucopyranose-(1-4)-[alpha-L-fucopyranose-(1-6)]2-acetamido-2-deoxy-beta-D-glucopyranose
#
loop_
_entity_poly.entity_id
_entity_poly.type
_entity_poly.pdbx_seq_one_letter_code
_entity_poly.pdbx_strand_id
1 'polypeptide(L)'
;QIQLVQSGPELKKPGETVKISCKASGYTFTDYGLNWVKQAPGKGLKWMGWINTYSGEPTYNDEFRGRFAFSLETSTITAY
LKINNLKNEDTATYFCARGGNWDWYFDVWGAGTTVTVSS
;
C
2 'polypeptide(L)'
;DIVLTQSPATLSVTPGDNVSLSCRASQIISNNLHWYQQKSHESPRLLIKYASQSISGIPSRFSGSGSGTDFTLSINSVET
EDFGMYFCQQSNTWPLTCGSGTKLELN
;
D
3 'polypeptide(L)'
;TNLCPFDEVFNATRFASVYAWNRKRISNCVADYSVLYNFAPFFAFKCYGVSPTKLNDLCFTNVYADSFVIRGNEVSQIAP
GQTGNIADYNYKLPDDFTGCVIAWNSNKLDSKVGGNYNYRYRLFRKSNLKPFERDISTEIYQAGNKPCNGVAGVNCYFPL
QSYGFRPTYGVGHQPYRVVVLSFELLHAPATVCGKK
;
G
#
# COMPACT_ATOMS: atom_id res chain seq x y z
N GLN A 1 0.10 -27.33 -2.99
CA GLN A 1 0.46 -27.20 -1.57
C GLN A 1 1.13 -25.86 -1.30
N ILE A 2 0.53 -25.07 -0.40
CA ILE A 2 1.03 -23.76 -0.04
C ILE A 2 1.02 -23.65 1.48
N GLN A 3 2.19 -23.44 2.07
CA GLN A 3 2.30 -23.40 3.52
C GLN A 3 3.57 -22.65 3.91
N LEU A 4 3.58 -22.17 5.16
CA LEU A 4 4.74 -21.48 5.75
C LEU A 4 4.88 -22.00 7.18
N VAL A 5 5.68 -23.04 7.36
CA VAL A 5 5.85 -23.66 8.67
C VAL A 5 6.91 -22.90 9.45
N GLN A 6 6.57 -22.49 10.67
CA GLN A 6 7.46 -21.69 11.50
C GLN A 6 8.17 -22.58 12.52
N SER A 7 8.84 -21.94 13.48
CA SER A 7 9.48 -22.63 14.58
C SER A 7 8.52 -22.79 15.75
N GLY A 8 8.83 -23.74 16.63
CA GLY A 8 7.99 -24.04 17.76
C GLY A 8 7.98 -22.94 18.80
N PRO A 9 7.20 -23.12 19.86
CA PRO A 9 7.12 -22.10 20.91
C PRO A 9 8.47 -21.87 21.58
N GLU A 10 8.62 -20.68 22.15
CA GLU A 10 9.85 -20.30 22.82
C GLU A 10 9.54 -19.83 24.24
N LEU A 11 10.61 -19.69 25.04
CA LEU A 11 10.51 -19.14 26.39
C LEU A 11 11.90 -18.68 26.79
N LYS A 12 12.05 -17.38 27.01
CA LYS A 12 13.35 -16.80 27.28
C LYS A 12 13.27 -15.86 28.47
N LYS A 13 14.43 -15.46 28.96
CA LYS A 13 14.54 -14.55 30.09
C LYS A 13 14.74 -13.12 29.61
N PRO A 14 14.32 -12.13 30.40
CA PRO A 14 14.41 -10.73 29.94
C PRO A 14 15.83 -10.28 29.63
N GLY A 15 16.09 -9.96 28.37
CA GLY A 15 17.41 -9.55 27.94
C GLY A 15 17.98 -10.46 26.88
N GLU A 16 17.42 -11.67 26.78
CA GLU A 16 17.92 -12.66 25.82
C GLU A 16 17.43 -12.33 24.42
N THR A 17 17.98 -13.04 23.44
CA THR A 17 17.56 -12.85 22.06
C THR A 17 16.91 -14.12 21.51
N VAL A 18 16.18 -13.96 20.41
CA VAL A 18 15.44 -15.03 19.76
C VAL A 18 15.57 -14.89 18.25
N LYS A 19 15.61 -16.03 17.57
CA LYS A 19 15.47 -16.07 16.12
C LYS A 19 14.33 -17.01 15.79
N ILE A 20 13.31 -16.49 15.09
CA ILE A 20 12.15 -17.27 14.67
C ILE A 20 12.25 -17.49 13.18
N SER A 21 11.95 -18.69 12.73
CA SER A 21 12.02 -19.02 11.32
C SER A 21 10.62 -19.01 10.71
N CYS A 22 10.58 -18.80 9.39
CA CYS A 22 9.33 -18.84 8.63
C CYS A 22 9.68 -19.42 7.27
N LYS A 23 9.56 -20.73 7.14
CA LYS A 23 10.04 -21.44 5.95
C LYS A 23 8.89 -21.59 4.95
N ALA A 24 9.03 -20.92 3.81
CA ALA A 24 8.01 -20.95 2.77
C ALA A 24 8.40 -21.95 1.69
N SER A 25 7.39 -22.64 1.15
CA SER A 25 7.62 -23.66 0.14
C SER A 25 6.30 -24.01 -0.53
N GLY A 26 6.34 -24.30 -1.82
CA GLY A 26 5.14 -24.65 -2.56
C GLY A 26 4.86 -23.69 -3.68
N TYR A 27 5.03 -22.40 -3.43
CA TYR A 27 4.90 -21.38 -4.45
C TYR A 27 6.25 -20.73 -4.70
N THR A 28 6.40 -20.12 -5.88
CA THR A 28 7.61 -19.38 -6.19
C THR A 28 7.77 -18.25 -5.17
N PHE A 29 8.80 -18.36 -4.33
CA PHE A 29 8.97 -17.45 -3.21
C PHE A 29 9.12 -15.99 -3.65
N THR A 30 9.62 -15.75 -4.86
CA THR A 30 9.96 -14.41 -5.30
C THR A 30 8.74 -13.60 -5.76
N ASP A 31 7.67 -14.26 -6.18
CA ASP A 31 6.53 -13.54 -6.74
C ASP A 31 5.67 -12.85 -5.70
N TYR A 32 6.04 -12.93 -4.42
CA TYR A 32 5.26 -12.29 -3.36
C TYR A 32 6.21 -11.77 -2.29
N GLY A 33 5.66 -10.97 -1.38
CA GLY A 33 6.39 -10.48 -0.23
C GLY A 33 6.16 -11.35 0.99
N LEU A 34 6.52 -10.80 2.14
CA LEU A 34 6.29 -11.46 3.42
C LEU A 34 6.02 -10.41 4.48
N ASN A 35 4.91 -10.54 5.18
CA ASN A 35 4.55 -9.62 6.25
C ASN A 35 4.59 -10.37 7.57
N TRP A 36 4.84 -9.65 8.65
CA TRP A 36 4.86 -10.24 9.98
C TRP A 36 3.80 -9.58 10.85
N VAL A 37 3.12 -10.39 11.65
CA VAL A 37 2.04 -9.93 12.52
C VAL A 37 2.32 -10.37 13.94
N LYS A 38 2.12 -9.47 14.88
CA LYS A 38 2.25 -9.75 16.30
C LYS A 38 0.90 -9.56 16.97
N GLN A 39 0.47 -10.55 17.74
CA GLN A 39 -0.86 -10.54 18.36
C GLN A 39 -0.70 -10.83 19.85
N ALA A 40 -0.77 -9.78 20.67
CA ALA A 40 -0.80 -9.99 22.10
C ALA A 40 -2.11 -10.66 22.51
N PRO A 41 -2.09 -11.53 23.50
CA PRO A 41 -3.33 -12.21 23.91
C PRO A 41 -4.33 -11.21 24.47
N GLY A 42 -5.49 -11.13 23.81
CA GLY A 42 -6.55 -10.24 24.25
C GLY A 42 -6.60 -8.90 23.56
N LYS A 43 -5.91 -8.72 22.44
CA LYS A 43 -5.97 -7.49 21.66
C LYS A 43 -5.98 -7.83 20.18
N GLY A 44 -5.74 -6.81 19.35
CA GLY A 44 -5.81 -6.97 17.91
C GLY A 44 -4.45 -7.17 17.27
N LEU A 45 -4.48 -7.44 15.96
CA LEU A 45 -3.26 -7.69 15.22
C LEU A 45 -2.51 -6.39 14.97
N LYS A 46 -1.21 -6.51 14.73
CA LYS A 46 -0.35 -5.37 14.44
C LYS A 46 0.59 -5.73 13.31
N TRP A 47 0.61 -4.91 12.27
CA TRP A 47 1.51 -5.13 11.14
C TRP A 47 2.93 -4.76 11.54
N MET A 48 3.87 -5.69 11.37
CA MET A 48 5.23 -5.48 11.82
C MET A 48 6.17 -5.00 10.72
N GLY A 49 5.76 -5.06 9.46
CA GLY A 49 6.60 -4.57 8.39
C GLY A 49 7.11 -5.64 7.45
N TRP A 50 6.91 -5.44 6.14
CA TRP A 50 7.18 -6.47 5.16
C TRP A 50 8.67 -6.56 4.87
N ILE A 51 9.04 -7.49 3.99
CA ILE A 51 10.42 -7.66 3.54
C ILE A 51 10.42 -8.17 2.10
N ASN A 52 11.03 -7.41 1.20
CA ASN A 52 11.08 -7.79 -0.22
C ASN A 52 11.83 -9.11 -0.36
N THR A 53 11.10 -10.15 -0.76
CA THR A 53 11.64 -11.50 -0.75
C THR A 53 12.74 -11.73 -1.78
N TYR A 54 12.90 -10.85 -2.75
CA TYR A 54 13.99 -11.00 -3.71
C TYR A 54 15.29 -10.44 -3.15
N SER A 55 15.26 -9.20 -2.70
CA SER A 55 16.47 -8.57 -2.16
C SER A 55 16.66 -8.89 -0.68
N GLY A 56 15.66 -8.59 0.13
CA GLY A 56 15.77 -8.75 1.57
C GLY A 56 15.86 -7.47 2.35
N GLU A 57 15.69 -6.32 1.71
CA GLU A 57 15.73 -5.10 2.49
C GLU A 57 14.38 -4.85 3.16
N PRO A 58 14.37 -4.74 4.47
CA PRO A 58 13.12 -4.67 5.22
C PRO A 58 12.49 -3.29 5.15
N THR A 59 11.32 -3.16 5.76
CA THR A 59 10.64 -1.88 5.90
C THR A 59 9.88 -1.94 7.22
N TYR A 60 10.51 -1.43 8.28
CA TYR A 60 9.95 -1.57 9.62
C TYR A 60 8.78 -0.62 9.82
N ASN A 61 7.69 -1.14 10.36
CA ASN A 61 6.65 -0.28 10.90
C ASN A 61 7.26 0.69 11.90
N ASP A 62 6.81 1.94 11.85
CA ASP A 62 7.48 2.99 12.62
C ASP A 62 7.41 2.80 14.13
N GLU A 63 6.67 1.79 14.61
CA GLU A 63 6.68 1.49 16.03
C GLU A 63 7.76 0.48 16.38
N PHE A 64 7.88 -0.57 15.58
CA PHE A 64 8.86 -1.63 15.82
C PHE A 64 10.15 -1.35 15.05
N ARG A 65 10.69 -0.15 15.26
CA ARG A 65 11.83 0.29 14.48
C ARG A 65 13.11 -0.42 14.92
N GLY A 66 13.50 -0.24 16.18
CA GLY A 66 14.62 -0.95 16.74
C GLY A 66 14.19 -2.29 17.31
N ARG A 67 15.17 -3.04 17.80
CA ARG A 67 15.00 -4.32 18.49
C ARG A 67 14.50 -5.43 17.57
N PHE A 68 14.20 -5.15 16.31
CA PHE A 68 13.69 -6.15 15.40
C PHE A 68 14.53 -6.17 14.14
N ALA A 69 14.69 -7.36 13.57
CA ALA A 69 15.56 -7.52 12.39
C ALA A 69 14.98 -8.63 11.52
N PHE A 70 14.59 -8.27 10.30
CA PHE A 70 14.05 -9.23 9.34
C PHE A 70 15.18 -9.66 8.41
N SER A 71 16.08 -10.48 8.93
CA SER A 71 17.11 -11.04 8.09
C SER A 71 16.50 -12.08 7.14
N LEU A 72 17.14 -12.26 5.99
CA LEU A 72 16.59 -13.17 4.99
C LEU A 72 17.72 -13.94 4.34
N GLU A 73 17.53 -15.25 4.23
CA GLU A 73 18.41 -16.13 3.47
C GLU A 73 17.62 -16.75 2.32
N THR A 74 18.25 -16.79 1.14
CA THR A 74 17.58 -17.28 -0.05
C THR A 74 18.18 -18.56 -0.60
N SER A 75 19.32 -19.01 -0.08
CA SER A 75 19.80 -20.35 -0.43
C SER A 75 18.77 -21.41 -0.05
N THR A 76 18.50 -21.54 1.24
CA THR A 76 17.30 -22.21 1.72
C THR A 76 16.19 -21.17 1.73
N ILE A 77 14.99 -21.56 1.32
CA ILE A 77 13.91 -20.59 1.22
C ILE A 77 13.25 -20.43 2.58
N THR A 78 13.85 -19.59 3.43
CA THR A 78 13.35 -19.34 4.77
C THR A 78 13.60 -17.89 5.12
N ALA A 79 12.56 -17.18 5.53
CA ALA A 79 12.76 -15.87 6.15
C ALA A 79 13.13 -16.05 7.61
N TYR A 80 13.33 -14.93 8.29
CA TYR A 80 13.75 -14.93 9.68
C TYR A 80 13.06 -13.80 10.43
N LEU A 81 13.21 -13.82 11.75
CA LEU A 81 12.85 -12.70 12.61
C LEU A 81 13.68 -12.81 13.88
N LYS A 82 14.31 -11.71 14.28
CA LYS A 82 15.28 -11.71 15.37
C LYS A 82 15.04 -10.52 16.26
N ILE A 83 14.88 -10.76 17.56
CA ILE A 83 14.56 -9.73 18.52
C ILE A 83 15.71 -9.62 19.50
N ASN A 84 16.18 -8.40 19.73
CA ASN A 84 17.22 -8.14 20.71
C ASN A 84 16.60 -7.52 21.95
N ASN A 85 17.13 -7.90 23.12
CA ASN A 85 16.74 -7.31 24.40
C ASN A 85 15.23 -7.49 24.65
N LEU A 86 14.84 -8.75 24.79
CA LEU A 86 13.45 -9.07 25.09
C LEU A 86 13.02 -8.42 26.38
N LYS A 87 11.88 -7.73 26.34
CA LYS A 87 11.34 -7.03 27.49
C LYS A 87 10.20 -7.82 28.11
N ASN A 88 9.58 -7.24 29.13
CA ASN A 88 8.50 -7.87 29.87
C ASN A 88 7.15 -7.60 29.22
N GLU A 89 7.12 -6.97 28.05
CA GLU A 89 5.88 -6.55 27.42
C GLU A 89 5.52 -7.32 26.16
N ASP A 90 6.50 -7.95 25.50
CA ASP A 90 6.28 -8.51 24.16
C ASP A 90 5.96 -10.00 24.19
N THR A 91 5.21 -10.45 25.19
CA THR A 91 4.67 -11.81 25.16
C THR A 91 3.49 -11.86 24.21
N ALA A 92 3.63 -12.62 23.13
CA ALA A 92 2.59 -12.70 22.11
C ALA A 92 2.87 -13.90 21.21
N THR A 93 2.10 -14.01 20.13
CA THR A 93 2.25 -15.05 19.12
C THR A 93 2.55 -14.35 17.80
N TYR A 94 3.62 -14.75 17.14
CA TYR A 94 4.10 -14.04 15.95
C TYR A 94 3.80 -14.87 14.71
N PHE A 95 2.97 -14.33 13.82
CA PHE A 95 2.66 -14.99 12.57
C PHE A 95 3.68 -14.59 11.50
N CYS A 96 3.47 -15.08 10.28
CA CYS A 96 4.16 -14.58 9.09
C CYS A 96 3.32 -14.95 7.89
N ALA A 97 2.72 -13.94 7.26
CA ALA A 97 1.72 -14.16 6.23
C ALA A 97 2.21 -13.62 4.89
N ARG A 98 1.94 -14.36 3.83
CA ARG A 98 2.40 -13.98 2.49
C ARG A 98 1.44 -12.93 1.93
N GLY A 99 1.78 -11.66 2.13
CA GLY A 99 1.04 -10.55 1.54
C GLY A 99 1.75 -10.11 0.27
N GLY A 100 0.97 -9.95 -0.79
CA GLY A 100 1.54 -9.68 -2.10
C GLY A 100 2.32 -8.39 -2.15
N ASN A 101 2.99 -8.18 -3.29
CA ASN A 101 3.75 -6.97 -3.54
C ASN A 101 2.96 -5.94 -4.32
N TRP A 102 1.73 -6.25 -4.72
CA TRP A 102 0.87 -5.27 -5.37
C TRP A 102 -0.55 -5.24 -4.82
N ASP A 103 -0.99 -6.23 -4.05
CA ASP A 103 -2.33 -6.24 -3.47
C ASP A 103 -2.32 -5.99 -1.97
N TRP A 104 -1.45 -6.68 -1.23
CA TRP A 104 -1.33 -6.55 0.22
C TRP A 104 -2.61 -7.00 0.94
N TYR A 105 -2.97 -8.26 0.71
CA TYR A 105 -3.91 -8.96 1.57
C TYR A 105 -3.31 -10.29 1.98
N PHE A 106 -3.38 -10.59 3.27
CA PHE A 106 -2.72 -11.76 3.86
C PHE A 106 -3.61 -12.97 3.70
N ASP A 107 -3.42 -13.69 2.60
CA ASP A 107 -4.21 -14.89 2.36
C ASP A 107 -3.68 -16.10 3.12
N VAL A 108 -2.44 -16.51 2.84
CA VAL A 108 -1.87 -17.72 3.42
C VAL A 108 -0.96 -17.30 4.58
N TRP A 109 -1.35 -17.70 5.78
CA TRP A 109 -0.62 -17.37 6.99
C TRP A 109 0.25 -18.55 7.43
N GLY A 110 0.85 -18.44 8.61
CA GLY A 110 1.60 -19.52 9.20
C GLY A 110 0.84 -20.07 10.41
N ALA A 111 1.39 -21.15 10.97
CA ALA A 111 0.76 -21.77 12.13
C ALA A 111 0.75 -20.83 13.33
N GLY A 112 1.81 -20.04 13.49
CA GLY A 112 1.88 -19.08 14.58
C GLY A 112 2.81 -19.51 15.69
N THR A 113 3.95 -18.83 15.81
CA THR A 113 4.93 -19.11 16.85
C THR A 113 4.68 -18.18 18.04
N THR A 114 4.82 -18.74 19.23
CA THR A 114 4.55 -18.03 20.48
C THR A 114 5.89 -17.73 21.16
N VAL A 115 6.02 -16.51 21.69
CA VAL A 115 7.22 -16.10 22.39
C VAL A 115 6.85 -15.44 23.71
N THR A 116 7.10 -16.13 24.81
CA THR A 116 6.86 -15.56 26.13
C THR A 116 8.18 -15.38 26.87
N VAL A 117 8.16 -14.47 27.84
CA VAL A 117 9.34 -14.19 28.67
C VAL A 117 8.98 -14.45 30.12
N SER A 118 9.96 -14.92 30.90
CA SER A 118 9.77 -15.23 32.30
C SER A 118 11.12 -15.09 33.00
N SER A 119 11.10 -15.14 34.33
CA SER A 119 12.31 -15.02 35.11
C SER A 119 12.70 -16.36 35.74
N ASP B 1 -1.23 6.48 10.95
CA ASP B 1 -2.12 5.37 11.21
C ASP B 1 -3.56 5.72 10.86
N ILE B 2 -4.33 4.71 10.47
CA ILE B 2 -5.76 4.86 10.23
C ILE B 2 -6.47 3.89 11.17
N VAL B 3 -6.89 4.38 12.33
CA VAL B 3 -7.52 3.51 13.32
C VAL B 3 -8.92 3.17 12.83
N LEU B 4 -9.25 1.88 12.84
CA LEU B 4 -10.55 1.37 12.39
C LEU B 4 -11.32 0.90 13.62
N THR B 5 -12.44 1.57 13.91
CA THR B 5 -13.27 1.19 15.04
C THR B 5 -14.34 0.20 14.61
N GLN B 6 -14.41 -0.93 15.29
CA GLN B 6 -15.38 -1.97 15.01
C GLN B 6 -16.48 -1.94 16.07
N SER B 7 -17.73 -2.01 15.62
CA SER B 7 -18.86 -2.00 16.52
C SER B 7 -19.86 -3.03 16.05
N PRO B 8 -20.49 -3.78 16.97
CA PRO B 8 -20.22 -3.66 18.40
C PRO B 8 -19.09 -4.57 18.84
N ALA B 9 -18.59 -4.37 20.06
CA ALA B 9 -17.53 -5.23 20.58
C ALA B 9 -18.05 -6.62 20.90
N THR B 10 -19.26 -6.71 21.44
CA THR B 10 -19.90 -7.98 21.76
C THR B 10 -21.08 -8.19 20.83
N LEU B 11 -21.43 -9.45 20.63
CA LEU B 11 -22.56 -9.81 19.78
C LEU B 11 -23.23 -11.07 20.33
N SER B 12 -24.49 -11.25 19.97
CA SER B 12 -25.29 -12.37 20.44
C SER B 12 -26.33 -12.71 19.37
N VAL B 13 -26.10 -13.82 18.67
CA VAL B 13 -27.02 -14.29 17.63
C VAL B 13 -27.34 -15.75 17.89
N THR B 14 -28.26 -16.29 17.08
CA THR B 14 -28.62 -17.69 17.09
C THR B 14 -28.52 -18.26 15.69
N PRO B 15 -28.21 -19.55 15.56
CA PRO B 15 -28.10 -20.15 14.23
C PRO B 15 -29.35 -19.95 13.39
N GLY B 16 -29.13 -19.78 12.09
CA GLY B 16 -30.23 -19.54 11.17
C GLY B 16 -30.74 -18.12 11.12
N ASP B 17 -29.91 -17.14 11.51
CA ASP B 17 -30.33 -15.74 11.48
C ASP B 17 -29.41 -14.91 10.60
N ASN B 18 -29.79 -13.66 10.35
CA ASN B 18 -28.98 -12.73 9.57
C ASN B 18 -28.46 -11.61 10.46
N VAL B 19 -27.17 -11.35 10.37
CA VAL B 19 -26.53 -10.32 11.18
C VAL B 19 -25.42 -9.69 10.36
N SER B 20 -25.21 -8.39 10.57
CA SER B 20 -24.25 -7.61 9.80
C SER B 20 -23.23 -6.99 10.74
N LEU B 21 -21.96 -7.09 10.36
CA LEU B 21 -20.87 -6.49 11.10
C LEU B 21 -20.55 -5.11 10.52
N SER B 22 -19.75 -4.33 11.26
CA SER B 22 -19.49 -2.95 10.87
C SER B 22 -18.07 -2.57 11.27
N CYS B 23 -17.35 -1.95 10.33
CA CYS B 23 -15.98 -1.47 10.55
C CYS B 23 -15.84 -0.18 9.76
N ARG B 24 -16.03 0.95 10.43
CA ARG B 24 -15.89 2.26 9.80
C ARG B 24 -14.47 2.75 9.97
N ALA B 25 -13.92 3.36 8.92
CA ALA B 25 -12.56 3.88 8.98
C ALA B 25 -12.56 5.25 9.63
N SER B 26 -11.41 5.92 9.61
CA SER B 26 -11.30 7.28 10.10
C SER B 26 -10.97 8.26 8.98
N GLN B 27 -10.19 7.83 8.00
CA GLN B 27 -9.89 8.61 6.81
C GLN B 27 -10.52 7.94 5.59
N ILE B 28 -10.41 8.62 4.46
CA ILE B 28 -11.05 8.11 3.24
C ILE B 28 -10.14 7.08 2.60
N ILE B 29 -10.57 5.83 2.60
CA ILE B 29 -9.85 4.73 1.96
C ILE B 29 -10.71 4.25 0.80
N SER B 30 -10.15 4.25 -0.40
CA SER B 30 -10.90 3.93 -1.61
C SER B 30 -11.15 2.43 -1.67
N ASN B 31 -12.16 1.97 -0.93
CA ASN B 31 -12.57 0.57 -0.84
C ASN B 31 -11.38 -0.39 -0.78
N ASN B 32 -10.37 -0.05 0.02
CA ASN B 32 -9.18 -0.87 0.18
C ASN B 32 -9.20 -1.61 1.51
N LEU B 33 -10.37 -2.09 1.93
CA LEU B 33 -10.54 -2.79 3.19
C LEU B 33 -10.81 -4.26 2.94
N HIS B 34 -10.10 -5.12 3.66
CA HIS B 34 -10.31 -6.56 3.60
C HIS B 34 -10.85 -7.04 4.94
N TRP B 35 -11.50 -8.20 4.92
CA TRP B 35 -12.14 -8.75 6.12
C TRP B 35 -11.53 -10.10 6.46
N TYR B 36 -11.17 -10.28 7.73
CA TYR B 36 -10.51 -11.49 8.20
C TYR B 36 -11.40 -12.21 9.20
N GLN B 37 -11.20 -13.51 9.31
CA GLN B 37 -11.89 -14.35 10.28
C GLN B 37 -10.87 -15.19 11.02
N GLN B 38 -10.91 -15.16 12.35
CA GLN B 38 -10.03 -15.95 13.19
C GLN B 38 -10.88 -16.70 14.21
N LYS B 39 -10.72 -18.02 14.25
CA LYS B 39 -11.41 -18.85 15.23
C LYS B 39 -10.52 -19.00 16.46
N SER B 40 -10.90 -19.90 17.36
CA SER B 40 -10.19 -20.06 18.63
C SER B 40 -8.82 -20.69 18.38
N HIS B 41 -7.77 -19.89 18.56
CA HIS B 41 -6.39 -20.37 18.56
C HIS B 41 -6.03 -21.04 17.24
N GLU B 42 -6.07 -20.25 16.16
CA GLU B 42 -5.67 -20.72 14.84
C GLU B 42 -5.26 -19.51 14.01
N SER B 43 -4.62 -19.77 12.89
CA SER B 43 -4.21 -18.70 12.00
C SER B 43 -5.43 -18.06 11.35
N PRO B 44 -5.57 -16.74 11.45
CA PRO B 44 -6.69 -16.06 10.80
C PRO B 44 -6.66 -16.26 9.29
N ARG B 45 -7.85 -16.36 8.71
CA ARG B 45 -8.01 -16.60 7.28
C ARG B 45 -8.64 -15.39 6.61
N LEU B 46 -8.61 -15.41 5.28
CA LEU B 46 -9.15 -14.34 4.45
C LEU B 46 -10.58 -14.67 4.02
N LEU B 47 -11.50 -13.73 4.26
CA LEU B 47 -12.88 -13.89 3.84
C LEU B 47 -13.14 -13.24 2.48
N ILE B 48 -12.97 -11.93 2.39
CA ILE B 48 -13.30 -11.18 1.19
C ILE B 48 -12.30 -10.05 1.00
N LYS B 49 -11.83 -9.89 -0.23
CA LYS B 49 -10.86 -8.85 -0.56
C LYS B 49 -11.57 -7.62 -1.09
N TYR B 50 -11.03 -6.45 -0.76
CA TYR B 50 -11.53 -5.16 -1.25
C TYR B 50 -12.98 -4.91 -0.85
N ALA B 51 -13.42 -5.57 0.23
CA ALA B 51 -14.65 -5.28 0.93
C ALA B 51 -15.91 -5.69 0.17
N SER B 52 -15.76 -6.08 -1.10
CA SER B 52 -16.92 -6.55 -1.87
C SER B 52 -16.68 -7.82 -2.66
N GLN B 53 -15.45 -8.12 -3.07
CA GLN B 53 -15.18 -9.28 -3.90
C GLN B 53 -14.92 -10.50 -3.03
N SER B 54 -15.31 -11.67 -3.51
CA SER B 54 -15.27 -12.88 -2.71
C SER B 54 -14.03 -13.71 -3.04
N ILE B 55 -13.69 -14.60 -2.11
CA ILE B 55 -12.56 -15.52 -2.24
C ILE B 55 -13.07 -16.88 -2.66
N SER B 56 -12.54 -17.38 -3.78
CA SER B 56 -12.91 -18.70 -4.24
C SER B 56 -12.44 -19.75 -3.23
N GLY B 57 -13.40 -20.42 -2.60
CA GLY B 57 -13.07 -21.41 -1.59
C GLY B 57 -13.84 -21.21 -0.31
N ILE B 58 -14.41 -20.03 -0.12
CA ILE B 58 -15.19 -19.71 1.08
C ILE B 58 -16.65 -20.11 0.83
N PRO B 59 -17.47 -20.26 1.86
CA PRO B 59 -18.89 -20.51 1.65
C PRO B 59 -19.57 -19.38 0.91
N SER B 60 -20.77 -19.65 0.42
CA SER B 60 -21.53 -18.70 -0.39
C SER B 60 -22.44 -17.81 0.46
N ARG B 61 -22.13 -17.61 1.73
CA ARG B 61 -22.96 -16.77 2.58
C ARG B 61 -22.30 -15.46 2.99
N PHE B 62 -20.98 -15.46 3.21
CA PHE B 62 -20.29 -14.24 3.57
C PHE B 62 -20.28 -13.28 2.38
N SER B 63 -20.76 -12.07 2.59
CA SER B 63 -20.77 -11.06 1.52
C SER B 63 -20.93 -9.70 2.17
N GLY B 64 -19.95 -8.82 1.94
CA GLY B 64 -19.99 -7.48 2.49
C GLY B 64 -20.01 -6.42 1.40
N SER B 65 -20.43 -5.22 1.78
CA SER B 65 -20.50 -4.09 0.87
C SER B 65 -20.01 -2.84 1.59
N GLY B 66 -20.22 -1.69 0.97
CA GLY B 66 -19.76 -0.43 1.52
C GLY B 66 -18.52 0.08 0.81
N SER B 67 -18.50 1.40 0.59
CA SER B 67 -17.40 2.04 -0.10
C SER B 67 -17.21 3.44 0.46
N GLY B 68 -15.95 3.83 0.62
CA GLY B 68 -15.63 5.11 1.22
C GLY B 68 -15.06 4.98 2.62
N THR B 69 -15.84 5.35 3.64
CA THR B 69 -15.41 5.22 5.02
C THR B 69 -16.37 4.42 5.88
N ASP B 70 -17.48 3.93 5.31
CA ASP B 70 -18.45 3.11 6.04
C ASP B 70 -18.56 1.76 5.36
N PHE B 71 -18.17 0.71 6.06
CA PHE B 71 -18.17 -0.65 5.52
C PHE B 71 -18.99 -1.56 6.40
N THR B 72 -19.71 -2.49 5.78
CA THR B 72 -20.54 -3.45 6.50
C THR B 72 -20.35 -4.84 5.89
N LEU B 73 -20.06 -5.81 6.74
CA LEU B 73 -20.00 -7.22 6.35
C LEU B 73 -21.17 -7.93 6.99
N SER B 74 -22.09 -8.42 6.16
CA SER B 74 -23.33 -9.03 6.63
C SER B 74 -23.26 -10.53 6.37
N ILE B 75 -23.36 -11.32 7.44
CA ILE B 75 -23.47 -12.77 7.33
C ILE B 75 -24.91 -13.17 7.61
N ASN B 76 -25.53 -13.80 6.62
CA ASN B 76 -26.93 -14.21 6.69
C ASN B 76 -27.03 -15.73 6.81
N SER B 77 -28.09 -16.19 7.45
CA SER B 77 -28.28 -17.60 7.74
C SER B 77 -27.07 -18.18 8.47
N VAL B 78 -26.74 -17.54 9.59
CA VAL B 78 -25.52 -17.87 10.33
C VAL B 78 -25.58 -19.30 10.83
N GLU B 79 -24.47 -20.02 10.69
CA GLU B 79 -24.30 -21.34 11.26
C GLU B 79 -23.42 -21.24 12.50
N THR B 80 -23.68 -22.11 13.48
CA THR B 80 -22.98 -22.03 14.75
C THR B 80 -21.48 -22.28 14.62
N GLU B 81 -21.04 -22.88 13.52
CA GLU B 81 -19.62 -23.13 13.29
C GLU B 81 -18.89 -21.89 12.78
N ASP B 82 -19.60 -20.80 12.51
CA ASP B 82 -19.00 -19.55 12.07
C ASP B 82 -18.59 -18.65 13.23
N PHE B 83 -18.51 -19.20 14.44
CA PHE B 83 -18.04 -18.43 15.58
C PHE B 83 -16.59 -18.02 15.38
N GLY B 84 -16.26 -16.82 15.84
CA GLY B 84 -14.88 -16.37 15.83
C GLY B 84 -14.80 -14.85 15.87
N MET B 85 -13.57 -14.35 15.88
CA MET B 85 -13.32 -12.92 15.90
C MET B 85 -13.01 -12.46 14.48
N TYR B 86 -13.58 -11.32 14.10
CA TYR B 86 -13.50 -10.82 12.74
C TYR B 86 -12.65 -9.57 12.71
N PHE B 87 -11.68 -9.54 11.78
CA PHE B 87 -10.73 -8.45 11.68
C PHE B 87 -10.89 -7.75 10.34
N CYS B 88 -10.98 -6.43 10.37
CA CYS B 88 -10.85 -5.62 9.16
C CYS B 88 -9.44 -5.07 9.10
N GLN B 89 -8.87 -5.06 7.89
CA GLN B 89 -7.48 -4.65 7.71
C GLN B 89 -7.39 -3.83 6.42
N GLN B 90 -7.27 -2.52 6.56
CA GLN B 90 -7.19 -1.65 5.41
C GLN B 90 -5.86 -1.82 4.69
N SER B 91 -5.76 -1.21 3.51
CA SER B 91 -4.55 -1.31 2.71
C SER B 91 -4.17 -0.01 2.02
N ASN B 92 -4.82 1.10 2.35
CA ASN B 92 -4.64 2.31 1.56
C ASN B 92 -3.32 3.01 1.90
N THR B 93 -3.17 3.47 3.13
CA THR B 93 -1.97 4.18 3.54
C THR B 93 -1.11 3.30 4.44
N TRP B 94 0.09 3.77 4.69
CA TRP B 94 1.02 3.05 5.53
C TRP B 94 1.12 3.71 6.90
N PRO B 95 1.34 2.94 7.97
CA PRO B 95 1.44 1.48 7.90
C PRO B 95 0.08 0.80 7.90
N LEU B 96 -0.03 -0.35 7.25
CA LEU B 96 -1.26 -1.12 7.32
C LEU B 96 -1.60 -1.41 8.77
N THR B 97 -2.89 -1.40 9.08
CA THR B 97 -3.31 -1.61 10.45
C THR B 97 -4.68 -2.26 10.49
N CYS B 98 -4.86 -3.19 11.41
CA CYS B 98 -6.11 -3.90 11.58
C CYS B 98 -6.94 -3.22 12.66
N GLY B 99 -8.21 -3.60 12.73
CA GLY B 99 -9.08 -3.12 13.78
C GLY B 99 -8.89 -3.90 15.06
N SER B 100 -9.55 -3.41 16.11
CA SER B 100 -9.49 -4.09 17.40
C SER B 100 -10.03 -5.51 17.32
N GLY B 101 -11.02 -5.75 16.47
CA GLY B 101 -11.59 -7.08 16.32
C GLY B 101 -12.75 -7.34 17.26
N THR B 102 -13.87 -7.81 16.71
CA THR B 102 -15.06 -8.12 17.50
C THR B 102 -15.29 -9.63 17.47
N LYS B 103 -15.95 -10.13 18.51
CA LYS B 103 -16.23 -11.55 18.65
C LYS B 103 -17.71 -11.81 18.44
N LEU B 104 -18.01 -12.90 17.74
CA LEU B 104 -19.38 -13.28 17.41
C LEU B 104 -19.67 -14.60 18.10
N GLU B 105 -20.26 -14.53 19.29
CA GLU B 105 -20.52 -15.70 20.12
C GLU B 105 -21.95 -16.18 19.91
N LEU B 106 -22.34 -17.19 20.69
CA LEU B 106 -23.66 -17.80 20.62
C LEU B 106 -24.44 -17.47 21.89
N ASN B 107 -25.72 -17.81 21.89
CA ASN B 107 -26.57 -17.57 23.06
C ASN B 107 -26.91 -18.87 23.79
N THR C 1 -6.38 24.66 12.46
CA THR C 1 -5.08 24.16 12.90
C THR C 1 -4.97 22.65 12.69
N ASN C 2 -5.66 22.14 11.68
CA ASN C 2 -5.61 20.73 11.36
C ASN C 2 -4.63 20.48 10.23
N LEU C 3 -3.70 19.54 10.44
CA LEU C 3 -2.74 19.19 9.40
C LEU C 3 -3.46 18.70 8.16
N CYS C 4 -2.82 18.87 7.02
CA CYS C 4 -3.54 18.44 5.83
C CYS C 4 -2.84 17.29 5.14
N PRO C 5 -3.53 16.56 4.26
CA PRO C 5 -3.03 15.25 3.82
C PRO C 5 -1.75 15.31 3.02
N PHE C 6 -0.63 15.52 3.69
CA PHE C 6 0.65 15.10 3.15
C PHE C 6 0.96 13.66 3.50
N ASP C 7 0.27 13.08 4.47
CA ASP C 7 0.39 11.66 4.75
C ASP C 7 -0.33 10.81 3.71
N GLU C 8 -1.58 11.14 3.39
CA GLU C 8 -2.38 10.32 2.49
C GLU C 8 -1.77 10.19 1.10
N VAL C 9 -0.93 11.15 0.69
CA VAL C 9 -0.41 11.17 -0.67
C VAL C 9 1.05 10.79 -0.76
N PHE C 10 1.81 10.83 0.33
CA PHE C 10 3.24 10.51 0.28
C PHE C 10 3.52 9.06 0.60
N ASN C 11 3.10 8.58 1.78
CA ASN C 11 3.31 7.18 2.14
C ASN C 11 2.11 6.28 1.76
N ALA C 12 1.54 6.51 0.57
CA ALA C 12 0.39 5.73 0.12
C ALA C 12 0.85 4.46 -0.57
N THR C 13 -0.07 3.55 -0.79
CA THR C 13 0.26 2.22 -1.29
C THR C 13 0.48 2.19 -2.79
N ARG C 14 -0.54 2.52 -3.56
CA ARG C 14 -0.54 2.35 -5.01
C ARG C 14 -0.64 3.71 -5.69
N PHE C 15 0.49 4.28 -6.08
CA PHE C 15 0.48 5.41 -6.98
C PHE C 15 -0.03 4.98 -8.35
N ALA C 16 -0.98 5.74 -8.88
CA ALA C 16 -1.58 5.38 -10.15
C ALA C 16 -0.59 5.64 -11.29
N SER C 17 -0.78 4.92 -12.39
CA SER C 17 0.10 5.02 -13.55
C SER C 17 0.07 6.44 -14.11
N VAL C 18 1.05 6.75 -14.96
CA VAL C 18 1.29 8.14 -15.33
C VAL C 18 0.21 8.72 -16.24
N TYR C 19 -0.33 7.95 -17.19
CA TYR C 19 -1.29 8.52 -18.12
C TYR C 19 -2.58 8.96 -17.44
N ALA C 20 -2.82 8.52 -16.21
CA ALA C 20 -3.92 9.02 -15.39
C ALA C 20 -3.33 9.39 -14.04
N TRP C 21 -2.80 10.60 -13.93
CA TRP C 21 -2.18 11.08 -12.71
C TRP C 21 -3.27 11.52 -11.72
N ASN C 22 -3.40 10.79 -10.62
CA ASN C 22 -4.34 11.16 -9.59
C ASN C 22 -3.97 12.51 -9.00
N ARG C 23 -4.97 13.35 -8.78
CA ARG C 23 -4.75 14.75 -8.43
C ARG C 23 -5.57 15.08 -7.18
N LYS C 24 -4.87 15.36 -6.09
CA LYS C 24 -5.51 15.65 -4.81
C LYS C 24 -5.44 17.15 -4.55
N ARG C 25 -6.58 17.76 -4.26
CA ARG C 25 -6.67 19.20 -4.05
C ARG C 25 -6.63 19.49 -2.55
N ILE C 26 -5.59 20.16 -2.10
CA ILE C 26 -5.42 20.50 -0.69
C ILE C 26 -6.00 21.87 -0.43
N SER C 27 -6.62 22.04 0.74
CA SER C 27 -7.21 23.32 1.11
C SER C 27 -7.49 23.32 2.61
N ASN C 28 -7.57 24.53 3.17
CA ASN C 28 -7.97 24.75 4.55
C ASN C 28 -7.16 23.89 5.52
N CYS C 29 -5.85 24.14 5.56
CA CYS C 29 -4.98 23.39 6.44
C CYS C 29 -3.82 24.25 6.89
N VAL C 30 -2.92 23.64 7.66
CA VAL C 30 -1.61 24.18 7.98
C VAL C 30 -0.57 23.14 7.59
N ALA C 31 0.03 23.34 6.41
CA ALA C 31 0.92 22.36 5.81
C ALA C 31 2.32 22.52 6.38
N ASP C 32 2.74 21.56 7.18
CA ASP C 32 4.09 21.53 7.76
C ASP C 32 4.98 20.67 6.90
N TYR C 33 5.92 21.30 6.19
CA TYR C 33 6.86 20.58 5.34
C TYR C 33 8.04 20.04 6.12
N SER C 34 8.18 20.39 7.40
CA SER C 34 9.21 19.77 8.23
C SER C 34 9.00 18.27 8.36
N VAL C 35 7.82 17.75 8.05
CA VAL C 35 7.61 16.31 7.99
C VAL C 35 8.36 15.70 6.81
N LEU C 36 8.38 16.38 5.66
CA LEU C 36 9.18 15.93 4.54
C LEU C 36 10.66 16.21 4.75
N TYR C 37 11.01 17.31 5.39
CA TYR C 37 12.44 17.64 5.49
C TYR C 37 13.19 16.54 6.19
N ASN C 38 12.60 15.97 7.23
CA ASN C 38 13.22 14.85 7.94
C ASN C 38 13.40 13.57 7.10
N PHE C 39 12.50 13.31 6.16
CA PHE C 39 12.57 12.06 5.42
C PHE C 39 13.62 12.23 4.36
N ALA C 40 14.80 11.67 4.60
CA ALA C 40 15.94 11.82 3.67
C ALA C 40 16.02 11.23 2.25
N PRO C 41 15.51 10.00 2.03
CA PRO C 41 15.70 9.38 0.71
C PRO C 41 15.20 10.12 -0.51
N PHE C 42 14.79 11.38 -0.39
CA PHE C 42 14.20 12.07 -1.53
C PHE C 42 15.28 12.37 -2.57
N PHE C 43 15.19 11.68 -3.70
CA PHE C 43 16.26 11.70 -4.69
C PHE C 43 16.42 13.08 -5.32
N ALA C 44 15.33 13.82 -5.44
CA ALA C 44 15.36 15.14 -6.07
C ALA C 44 14.24 16.00 -5.54
N PHE C 45 14.55 16.89 -4.60
CA PHE C 45 13.59 17.85 -4.06
C PHE C 45 13.83 19.17 -4.77
N LYS C 46 13.45 19.24 -6.04
CA LYS C 46 13.68 20.40 -6.88
C LYS C 46 12.45 21.29 -6.88
N CYS C 47 12.61 22.51 -6.38
CA CYS C 47 11.52 23.47 -6.31
C CYS C 47 11.78 24.60 -7.30
N TYR C 48 10.81 24.82 -8.18
CA TYR C 48 10.89 25.85 -9.21
C TYR C 48 9.94 26.98 -8.83
N GLY C 49 10.50 28.16 -8.62
CA GLY C 49 9.73 29.32 -8.21
C GLY C 49 10.03 29.80 -6.81
N VAL C 50 10.14 28.90 -5.83
CA VAL C 50 10.48 29.26 -4.47
C VAL C 50 11.67 28.44 -4.02
N SER C 51 12.30 28.88 -2.93
CA SER C 51 13.39 28.05 -2.46
C SER C 51 12.97 27.25 -1.23
N PRO C 52 13.37 25.99 -1.15
CA PRO C 52 12.87 25.12 -0.06
C PRO C 52 13.09 25.70 1.33
N THR C 53 14.15 26.47 1.55
CA THR C 53 14.41 26.97 2.90
C THR C 53 13.39 28.02 3.32
N LYS C 54 13.01 28.93 2.42
CA LYS C 54 12.02 29.96 2.72
C LYS C 54 10.59 29.47 2.46
N LEU C 55 10.40 28.16 2.40
CA LEU C 55 9.14 27.58 2.00
C LEU C 55 8.17 27.37 3.16
N ASN C 56 8.68 27.38 4.40
CA ASN C 56 7.84 27.00 5.54
C ASN C 56 6.92 28.13 5.97
N ASP C 57 7.48 29.29 6.30
CA ASP C 57 6.68 30.38 6.85
C ASP C 57 5.92 31.15 5.78
N LEU C 58 5.79 30.61 4.57
CA LEU C 58 4.98 31.25 3.57
C LEU C 58 3.51 30.89 3.77
N CYS C 59 2.65 31.42 2.90
CA CYS C 59 1.21 31.14 2.92
C CYS C 59 0.74 30.99 1.48
N PHE C 60 0.59 29.74 1.04
CA PHE C 60 0.15 29.44 -0.31
C PHE C 60 -1.37 29.48 -0.40
N THR C 61 -1.89 29.19 -1.58
CA THR C 61 -3.32 28.96 -1.75
C THR C 61 -3.53 28.19 -3.04
N ASN C 62 -4.60 27.38 -3.06
CA ASN C 62 -4.92 26.54 -4.21
C ASN C 62 -3.76 25.62 -4.56
N VAL C 63 -3.34 24.81 -3.60
CA VAL C 63 -2.20 23.92 -3.81
C VAL C 63 -2.69 22.53 -4.19
N TYR C 64 -2.14 22.00 -5.28
CA TYR C 64 -2.48 20.67 -5.76
C TYR C 64 -1.36 19.72 -5.42
N ALA C 65 -1.57 18.43 -5.71
CA ALA C 65 -0.55 17.41 -5.46
C ALA C 65 -0.82 16.25 -6.40
N ASP C 66 -0.04 16.15 -7.46
CA ASP C 66 -0.17 15.05 -8.41
C ASP C 66 0.71 13.89 -8.00
N SER C 67 0.63 12.79 -8.73
CA SER C 67 1.40 11.60 -8.41
C SER C 67 1.35 10.63 -9.59
N PHE C 68 2.45 9.92 -9.82
CA PHE C 68 2.50 8.88 -10.82
C PHE C 68 3.77 8.06 -10.62
N VAL C 69 4.04 7.19 -11.59
CA VAL C 69 5.24 6.35 -11.61
C VAL C 69 5.81 6.37 -13.02
N ILE C 70 7.10 6.67 -13.14
CA ILE C 70 7.77 6.76 -14.43
C ILE C 70 9.16 6.16 -14.33
N ARG C 71 9.75 5.88 -15.49
CA ARG C 71 11.09 5.32 -15.56
C ARG C 71 12.09 6.18 -14.80
N GLY C 72 13.21 5.55 -14.43
CA GLY C 72 14.27 6.28 -13.77
C GLY C 72 14.97 7.29 -14.66
N ASN C 73 15.02 7.03 -15.96
CA ASN C 73 15.63 7.99 -16.89
C ASN C 73 14.67 9.13 -17.21
N GLU C 74 13.38 8.82 -17.30
CA GLU C 74 12.39 9.83 -17.67
C GLU C 74 11.93 10.67 -16.49
N VAL C 75 12.72 10.75 -15.42
CA VAL C 75 12.35 11.60 -14.29
C VAL C 75 12.83 13.04 -14.53
N SER C 76 13.76 13.21 -15.47
CA SER C 76 14.29 14.54 -15.74
C SER C 76 13.41 15.32 -16.69
N GLN C 77 12.19 14.84 -16.92
CA GLN C 77 11.26 15.54 -17.79
C GLN C 77 10.10 16.18 -17.06
N ILE C 78 9.93 15.94 -15.76
CA ILE C 78 8.90 16.61 -14.98
C ILE C 78 9.51 17.92 -14.50
N ALA C 79 9.49 18.92 -15.38
CA ALA C 79 10.14 20.21 -15.15
C ALA C 79 9.66 21.16 -16.23
N PRO C 80 9.67 22.47 -15.97
CA PRO C 80 9.11 23.41 -16.94
C PRO C 80 9.91 23.50 -18.23
N GLY C 81 9.28 23.17 -19.36
CA GLY C 81 9.88 23.33 -20.67
C GLY C 81 10.58 22.10 -21.20
N GLN C 82 10.54 20.98 -20.48
CA GLN C 82 11.23 19.79 -20.93
C GLN C 82 10.55 19.20 -22.18
N THR C 83 11.34 18.46 -22.94
CA THR C 83 10.89 17.80 -24.16
C THR C 83 11.13 16.30 -24.05
N GLY C 84 10.23 15.53 -24.68
CA GLY C 84 10.38 14.09 -24.70
C GLY C 84 9.08 13.34 -24.91
N ASN C 85 8.93 12.21 -24.24
CA ASN C 85 7.73 11.38 -24.35
C ASN C 85 6.75 11.60 -23.23
N ILE C 86 7.22 11.72 -21.99
CA ILE C 86 6.31 11.89 -20.86
C ILE C 86 5.64 13.25 -20.91
N ALA C 87 6.42 14.32 -21.01
CA ALA C 87 5.89 15.68 -20.93
C ALA C 87 5.23 16.14 -22.22
N ASP C 88 5.24 15.32 -23.27
CA ASP C 88 4.50 15.61 -24.48
C ASP C 88 3.26 14.76 -24.66
N TYR C 89 3.12 13.69 -23.87
CA TYR C 89 2.02 12.76 -24.02
C TYR C 89 1.37 12.33 -22.71
N ASN C 90 2.00 12.61 -21.57
CA ASN C 90 1.46 12.17 -20.29
C ASN C 90 1.16 13.31 -19.34
N TYR C 91 2.14 14.17 -19.05
CA TYR C 91 2.00 15.16 -18.00
C TYR C 91 3.00 16.28 -18.26
N LYS C 92 2.51 17.48 -18.52
CA LYS C 92 3.36 18.61 -18.86
C LYS C 92 3.07 19.79 -17.94
N LEU C 93 4.12 20.44 -17.49
CA LEU C 93 4.00 21.59 -16.62
C LEU C 93 4.15 22.88 -17.44
N PRO C 94 3.38 23.91 -17.12
CA PRO C 94 3.47 25.16 -17.87
C PRO C 94 4.80 25.88 -17.61
N ASP C 95 5.06 26.88 -18.44
CA ASP C 95 6.31 27.63 -18.37
C ASP C 95 6.46 28.47 -17.12
N ASP C 96 5.36 28.82 -16.47
CA ASP C 96 5.38 29.66 -15.27
C ASP C 96 5.16 28.82 -14.01
N PHE C 97 5.73 27.62 -13.98
CA PHE C 97 5.55 26.73 -12.85
C PHE C 97 6.07 27.35 -11.56
N THR C 98 5.34 27.14 -10.48
CA THR C 98 5.64 27.74 -9.18
C THR C 98 5.47 26.75 -8.06
N GLY C 99 5.94 25.52 -8.26
CA GLY C 99 5.80 24.50 -7.24
C GLY C 99 7.07 23.71 -6.97
N CYS C 100 6.94 22.41 -6.69
CA CYS C 100 8.07 21.54 -6.44
C CYS C 100 7.81 20.18 -7.08
N VAL C 101 8.91 19.45 -7.31
CA VAL C 101 8.86 18.14 -7.95
C VAL C 101 9.75 17.19 -7.15
N ILE C 102 9.13 16.25 -6.46
CA ILE C 102 9.83 15.33 -5.56
C ILE C 102 9.89 13.95 -6.23
N ALA C 103 10.90 13.16 -5.86
CA ALA C 103 11.11 11.87 -6.49
C ALA C 103 11.61 10.86 -5.47
N TRP C 104 11.34 9.58 -5.74
CA TRP C 104 11.77 8.45 -4.93
C TRP C 104 12.73 7.57 -5.72
N ASN C 105 13.11 6.46 -5.11
CA ASN C 105 13.73 5.33 -5.80
C ASN C 105 12.97 4.10 -5.35
N SER C 106 11.82 3.85 -5.98
CA SER C 106 10.88 2.82 -5.55
C SER C 106 11.16 1.56 -6.36
N ASN C 107 12.33 0.99 -6.16
CA ASN C 107 12.65 -0.33 -6.72
C ASN C 107 12.34 -1.46 -5.76
N LYS C 108 12.30 -1.16 -4.46
CA LYS C 108 11.94 -2.16 -3.47
C LYS C 108 10.48 -2.51 -3.54
N LEU C 109 9.62 -1.57 -3.94
CA LEU C 109 8.18 -1.71 -3.80
C LEU C 109 7.47 -2.12 -5.09
N ASP C 110 7.85 -1.58 -6.23
CA ASP C 110 7.12 -1.75 -7.48
C ASP C 110 7.93 -2.56 -8.50
N SER C 111 8.57 -3.63 -8.05
CA SER C 111 9.43 -4.39 -8.94
C SER C 111 9.38 -5.87 -8.58
N LYS C 112 8.83 -6.67 -9.48
CA LYS C 112 8.84 -8.12 -9.38
C LYS C 112 9.73 -8.70 -10.48
N VAL C 113 10.33 -9.86 -10.21
CA VAL C 113 11.14 -10.49 -11.22
C VAL C 113 10.28 -11.02 -12.37
N GLY C 114 9.01 -11.28 -12.11
CA GLY C 114 8.06 -11.37 -13.20
C GLY C 114 7.75 -9.99 -13.74
N GLY C 115 7.44 -9.94 -15.03
CA GLY C 115 7.26 -8.65 -15.70
C GLY C 115 6.14 -7.86 -15.06
N ASN C 116 6.48 -6.73 -14.43
CA ASN C 116 5.47 -5.85 -13.85
C ASN C 116 4.90 -4.98 -14.97
N TYR C 117 4.03 -5.59 -15.76
CA TYR C 117 3.38 -4.93 -16.88
C TYR C 117 2.16 -4.14 -16.45
N ASN C 118 2.09 -3.73 -15.19
CA ASN C 118 0.87 -3.14 -14.67
C ASN C 118 0.85 -1.62 -14.89
N TYR C 119 2.00 -0.96 -14.78
CA TYR C 119 2.06 0.48 -15.03
C TYR C 119 2.22 0.73 -16.52
N ARG C 120 1.67 1.85 -17.00
CA ARG C 120 1.67 2.17 -18.42
C ARG C 120 1.93 3.66 -18.63
N TYR C 121 2.20 4.00 -19.90
CA TYR C 121 2.36 5.38 -20.32
C TYR C 121 1.89 5.50 -21.76
N ARG C 122 1.70 6.73 -22.21
CA ARG C 122 1.12 7.00 -23.52
C ARG C 122 2.24 7.05 -24.55
N LEU C 123 1.99 6.47 -25.73
CA LEU C 123 3.03 6.41 -26.76
C LEU C 123 2.71 7.32 -27.93
N PHE C 124 1.46 7.33 -28.38
CA PHE C 124 1.07 8.08 -29.57
C PHE C 124 -0.14 8.95 -29.27
N ARG C 125 -0.12 10.18 -29.77
CA ARG C 125 -1.23 11.10 -29.64
C ARG C 125 -1.26 12.03 -30.84
N LYS C 126 -2.44 12.53 -31.19
CA LYS C 126 -2.58 13.44 -32.32
C LYS C 126 -1.79 14.72 -32.10
N SER C 127 -1.92 15.32 -30.92
CA SER C 127 -1.27 16.59 -30.61
C SER C 127 -0.62 16.51 -29.25
N ASN C 128 0.27 17.45 -28.97
CA ASN C 128 0.91 17.52 -27.67
C ASN C 128 -0.09 17.90 -26.59
N LEU C 129 0.20 17.49 -25.36
CA LEU C 129 -0.71 17.69 -24.24
C LEU C 129 -0.63 19.13 -23.75
N LYS C 130 -1.78 19.77 -23.63
CA LYS C 130 -1.86 21.08 -22.99
C LYS C 130 -1.44 20.92 -21.53
N PRO C 131 -0.93 21.96 -20.89
CA PRO C 131 -0.44 21.81 -19.51
C PRO C 131 -1.53 21.41 -18.53
N PHE C 132 -1.20 20.43 -17.69
CA PHE C 132 -2.03 20.02 -16.56
C PHE C 132 -3.39 19.45 -16.99
N GLU C 133 -3.38 18.61 -18.02
CA GLU C 133 -4.56 17.88 -18.43
C GLU C 133 -4.19 16.49 -18.90
N ARG C 134 -5.04 15.52 -18.57
CA ARG C 134 -4.76 14.11 -18.81
C ARG C 134 -5.64 13.56 -19.93
N ASP C 135 -5.22 12.43 -20.47
CA ASP C 135 -5.93 11.76 -21.56
C ASP C 135 -5.98 10.27 -21.26
N ILE C 136 -7.17 9.76 -20.95
CA ILE C 136 -7.34 8.35 -20.61
C ILE C 136 -7.98 7.62 -21.77
N SER C 137 -7.95 8.20 -22.96
CA SER C 137 -8.59 7.61 -24.13
C SER C 137 -7.87 6.33 -24.50
N THR C 138 -8.61 5.24 -24.60
CA THR C 138 -8.06 3.93 -24.97
C THR C 138 -8.62 3.55 -26.35
N GLU C 139 -7.93 4.00 -27.39
CA GLU C 139 -8.34 3.71 -28.76
C GLU C 139 -7.13 3.84 -29.66
N ILE C 140 -7.23 3.25 -30.85
CA ILE C 140 -6.06 3.10 -31.71
C ILE C 140 -5.67 4.42 -32.32
N TYR C 141 -4.36 4.69 -32.35
CA TYR C 141 -3.78 5.80 -33.08
C TYR C 141 -3.31 5.28 -34.43
N GLN C 142 -3.46 6.10 -35.47
CA GLN C 142 -3.13 5.64 -36.81
C GLN C 142 -3.11 6.83 -37.76
N ALA C 143 -2.21 6.76 -38.73
CA ALA C 143 -2.26 7.67 -39.87
C ALA C 143 -3.43 7.27 -40.76
N GLY C 144 -3.88 8.21 -41.59
CA GLY C 144 -5.10 7.97 -42.34
C GLY C 144 -4.97 6.94 -43.43
N ASN C 145 -4.53 5.73 -43.06
CA ASN C 145 -4.43 4.66 -44.05
C ASN C 145 -5.74 3.90 -44.15
N LYS C 146 -6.18 3.28 -43.04
CA LYS C 146 -7.39 2.48 -43.02
C LYS C 146 -7.85 2.41 -41.58
N PRO C 147 -9.08 2.84 -41.28
CA PRO C 147 -9.56 2.79 -39.90
C PRO C 147 -9.83 1.36 -39.47
N CYS C 148 -8.94 0.83 -38.63
CA CYS C 148 -9.06 -0.57 -38.23
C CYS C 148 -10.10 -0.75 -37.13
N ASN C 149 -10.59 0.35 -36.56
CA ASN C 149 -11.75 0.32 -35.66
C ASN C 149 -11.51 -0.60 -34.45
N GLY C 150 -10.36 -0.43 -33.82
CA GLY C 150 -10.07 -1.16 -32.60
C GLY C 150 -9.38 -2.49 -32.80
N VAL C 151 -8.72 -2.72 -33.93
CA VAL C 151 -8.00 -3.96 -34.18
C VAL C 151 -6.51 -3.64 -34.31
N ALA C 152 -5.68 -4.41 -33.61
CA ALA C 152 -4.23 -4.20 -33.66
C ALA C 152 -3.63 -4.99 -34.81
N GLY C 153 -2.60 -4.43 -35.41
CA GLY C 153 -1.96 -5.05 -36.55
C GLY C 153 -1.04 -4.11 -37.32
N VAL C 154 -1.09 -4.17 -38.64
CA VAL C 154 -0.22 -3.34 -39.46
C VAL C 154 -0.77 -1.92 -39.50
N ASN C 155 0.11 -0.93 -39.26
CA ASN C 155 -0.24 0.48 -39.23
C ASN C 155 -1.47 0.74 -38.36
N CYS C 156 -1.54 0.02 -37.24
CA CYS C 156 -2.51 0.31 -36.18
C CYS C 156 -1.85 0.01 -34.85
N TYR C 157 -1.91 0.93 -33.91
CA TYR C 157 -1.14 0.82 -32.69
C TYR C 157 -2.01 1.08 -31.47
N PHE C 158 -2.01 0.14 -30.55
CA PHE C 158 -2.62 0.35 -29.24
C PHE C 158 -1.79 1.36 -28.47
N PRO C 159 -2.38 2.48 -28.02
CA PRO C 159 -1.56 3.60 -27.55
C PRO C 159 -0.75 3.33 -26.30
N LEU C 160 -1.34 2.75 -25.26
CA LEU C 160 -0.70 2.67 -23.95
C LEU C 160 0.19 1.43 -23.89
N GLN C 161 1.49 1.63 -23.99
CA GLN C 161 2.45 0.57 -23.71
C GLN C 161 2.74 0.53 -22.22
N SER C 162 3.41 -0.54 -21.79
CA SER C 162 3.67 -0.77 -20.38
C SER C 162 5.17 -0.79 -20.10
N TYR C 163 5.52 -0.37 -18.89
CA TYR C 163 6.89 -0.47 -18.43
C TYR C 163 7.25 -1.92 -18.13
N GLY C 164 8.53 -2.17 -17.93
CA GLY C 164 8.98 -3.49 -17.52
C GLY C 164 9.08 -3.60 -16.02
N PHE C 165 9.85 -2.69 -15.41
CA PHE C 165 10.00 -2.60 -13.96
C PHE C 165 10.50 -3.91 -13.36
N ARG C 166 11.65 -4.34 -13.85
CA ARG C 166 12.31 -5.49 -13.27
C ARG C 166 13.30 -5.05 -12.21
N PRO C 167 13.60 -5.90 -11.23
CA PRO C 167 14.54 -5.50 -10.18
C PRO C 167 15.99 -5.72 -10.56
N THR C 168 16.23 -5.97 -11.85
CA THR C 168 17.60 -6.14 -12.35
C THR C 168 17.89 -5.23 -13.53
N TYR C 169 17.02 -4.27 -13.83
CA TYR C 169 17.24 -3.38 -14.97
C TYR C 169 18.40 -2.42 -14.74
N GLY C 170 18.29 -1.56 -13.75
CA GLY C 170 19.32 -0.56 -13.52
C GLY C 170 18.79 0.69 -12.84
N VAL C 171 19.71 1.46 -12.25
CA VAL C 171 19.33 2.67 -11.52
C VAL C 171 18.59 3.66 -12.41
N GLY C 172 18.67 3.49 -13.74
CA GLY C 172 18.03 4.41 -14.64
C GLY C 172 16.75 3.91 -15.27
N HIS C 173 16.40 2.65 -15.02
CA HIS C 173 15.21 2.06 -15.58
C HIS C 173 14.21 1.57 -14.54
N GLN C 174 14.61 1.48 -13.28
CA GLN C 174 13.64 1.03 -12.30
C GLN C 174 12.65 2.15 -11.98
N PRO C 175 11.44 1.82 -11.55
CA PRO C 175 10.40 2.84 -11.41
C PRO C 175 10.73 3.86 -10.33
N TYR C 176 10.56 5.14 -10.68
CA TYR C 176 10.69 6.25 -9.75
C TYR C 176 9.32 6.87 -9.55
N ARG C 177 8.94 7.06 -8.28
CA ARG C 177 7.69 7.75 -7.99
C ARG C 177 7.93 9.25 -7.92
N VAL C 178 6.90 10.04 -8.22
CA VAL C 178 7.03 11.48 -8.34
C VAL C 178 5.76 12.13 -7.79
N VAL C 179 5.94 13.18 -6.99
CA VAL C 179 4.83 14.00 -6.50
C VAL C 179 5.12 15.44 -6.87
N VAL C 180 4.17 16.08 -7.54
CA VAL C 180 4.36 17.40 -8.11
C VAL C 180 3.44 18.37 -7.37
N LEU C 181 3.97 19.01 -6.33
CA LEU C 181 3.24 20.09 -5.68
C LEU C 181 3.26 21.32 -6.58
N SER C 182 2.08 21.90 -6.82
CA SER C 182 1.96 23.07 -7.68
C SER C 182 1.15 24.13 -6.93
N PHE C 183 1.85 25.01 -6.21
CA PHE C 183 1.19 26.10 -5.52
C PHE C 183 0.51 27.03 -6.51
N GLU C 184 -0.29 27.95 -5.98
CA GLU C 184 -0.89 29.02 -6.77
C GLU C 184 -0.77 30.31 -5.98
N LEU C 185 0.32 31.03 -6.19
CA LEU C 185 0.59 32.25 -5.43
C LEU C 185 0.20 33.48 -6.24
N ALA C 188 -6.44 37.50 -3.47
CA ALA C 188 -6.98 36.23 -2.98
C ALA C 188 -6.52 35.98 -1.55
N PRO C 189 -7.40 35.38 -0.73
CA PRO C 189 -7.02 35.08 0.65
C PRO C 189 -6.22 33.79 0.72
N ALA C 190 -5.12 33.82 1.47
CA ALA C 190 -4.31 32.63 1.67
C ALA C 190 -5.00 31.70 2.66
N THR C 191 -5.06 30.43 2.31
CA THR C 191 -5.70 29.43 3.15
C THR C 191 -4.73 28.56 3.93
N VAL C 192 -3.64 28.12 3.32
CA VAL C 192 -2.68 27.25 3.98
C VAL C 192 -1.53 28.10 4.52
N CYS C 193 -0.80 27.55 5.48
CA CYS C 193 0.33 28.26 6.09
C CYS C 193 1.25 27.22 6.73
N GLY C 194 2.19 27.68 7.54
CA GLY C 194 3.11 26.79 8.22
C GLY C 194 3.03 26.87 9.73
#